data_3WV7
#
_entry.id   3WV7
#
_cell.length_a   68.390
_cell.length_b   73.520
_cell.length_c   68.580
_cell.angle_alpha   90.000
_cell.angle_beta   118.050
_cell.angle_gamma   90.000
#
_symmetry.space_group_name_H-M   'P 1 21 1'
#
loop_
_entity.id
_entity.type
_entity.pdbx_description
1 polymer 'Hmd co-occurring protein HcgE'
2 non-polymer "ADENOSINE-5'-DIPHOSPHATE"
3 water water
#
_entity_poly.entity_id   1
_entity_poly.type   'polypeptide(L)'
_entity_poly.pdbx_seq_one_letter_code
;MEISELEGKKVPHGEVTLVGAGRLGFRTALNLMQIHRGGPERIKVIDGQKVSADDLIFRLMGAKIGEYKVKFIESLACDG
FSRTVQGIPEYITGDNLRLIGGDVVCVEIAGGDTLPITTEIIRYAQERGAATISTMGVFGIGEEDVSVVDIDEADPENPI
AAYLQAEGIHEHVLVGTGKLIRDWEPVTPHVLDRVSEVMTAEILKLLRGAQRLELVPR
;
_entity_poly.pdbx_strand_id   A,B,C
#
loop_
_chem_comp.id
_chem_comp.type
_chem_comp.name
_chem_comp.formula
ADP non-polymer ADENOSINE-5'-DIPHOSPHATE 'C10 H15 N5 O10 P2'
#
# COMPACT_ATOMS: atom_id res chain seq x y z
N LYS A 10 -24.68 0.87 12.44
CA LYS A 10 -23.31 0.73 11.86
C LYS A 10 -22.34 1.34 12.86
N VAL A 11 -22.09 0.60 13.95
CA VAL A 11 -21.10 0.96 14.98
C VAL A 11 -20.23 -0.26 15.30
N PRO A 12 -19.05 -0.03 15.90
CA PRO A 12 -18.20 -1.22 16.27
C PRO A 12 -18.94 -2.19 17.22
N HIS A 13 -18.80 -3.51 17.07
CA HIS A 13 -19.44 -4.48 17.98
C HIS A 13 -18.54 -5.71 18.00
N GLY A 14 -18.49 -6.37 19.16
CA GLY A 14 -17.78 -7.68 19.17
C GLY A 14 -16.30 -7.54 19.55
N GLU A 15 -15.68 -8.69 19.82
CA GLU A 15 -14.29 -8.69 20.24
C GLU A 15 -13.56 -9.63 19.32
N VAL A 16 -12.36 -9.22 18.87
CA VAL A 16 -11.48 -10.11 18.06
C VAL A 16 -10.18 -10.25 18.90
N THR A 17 -9.66 -11.46 18.98
CA THR A 17 -8.32 -11.70 19.60
C THR A 17 -7.37 -12.09 18.49
N LEU A 18 -6.27 -11.33 18.41
CA LEU A 18 -5.19 -11.63 17.45
C LEU A 18 -4.06 -12.27 18.19
N VAL A 19 -3.79 -13.54 17.92
CA VAL A 19 -2.60 -14.20 18.55
C VAL A 19 -1.49 -14.10 17.52
N GLY A 20 -0.43 -13.36 17.85
CA GLY A 20 0.67 -13.13 16.91
C GLY A 20 0.52 -11.70 16.39
N ALA A 21 1.58 -10.88 16.59
CA ALA A 21 1.51 -9.50 16.17
C ALA A 21 2.84 -9.14 15.51
N GLY A 22 3.33 -10.09 14.72
CA GLY A 22 4.58 -9.86 13.93
C GLY A 22 4.28 -9.20 12.59
N ARG A 23 5.07 -9.50 11.59
CA ARG A 23 4.92 -8.79 10.29
C ARG A 23 3.51 -8.93 9.73
N LEU A 24 2.88 -10.10 9.88
CA LEU A 24 1.51 -10.27 9.46
C LEU A 24 0.51 -9.74 10.44
N GLY A 25 0.63 -10.17 11.70
CA GLY A 25 -0.41 -9.77 12.66
C GLY A 25 -0.43 -8.25 12.94
N PHE A 26 0.73 -7.59 12.83
CA PHE A 26 0.72 -6.12 13.00
C PHE A 26 -0.12 -5.49 11.86
N ARG A 27 0.07 -6.01 10.63
CA ARG A 27 -0.72 -5.46 9.52
C ARG A 27 -2.23 -5.73 9.71
N THR A 28 -2.57 -6.89 10.28
CA THR A 28 -4.00 -7.16 10.51
C THR A 28 -4.56 -6.29 11.58
N ALA A 29 -3.76 -6.08 12.66
CA ALA A 29 -4.19 -5.16 13.70
C ALA A 29 -4.41 -3.74 13.18
N LEU A 30 -3.49 -3.25 12.34
CA LEU A 30 -3.65 -1.88 11.81
C LEU A 30 -4.87 -1.84 10.90
N ASN A 31 -5.11 -2.88 10.08
CA ASN A 31 -6.33 -2.88 9.27
C ASN A 31 -7.60 -2.80 10.17
N LEU A 32 -7.68 -3.63 11.21
CA LEU A 32 -8.93 -3.64 11.98
C LEU A 32 -9.06 -2.32 12.77
N MET A 33 -7.95 -1.70 13.16
CA MET A 33 -8.02 -0.47 13.95
C MET A 33 -8.48 0.69 13.11
N GLN A 34 -8.45 0.54 11.81
CA GLN A 34 -8.85 1.63 10.93
C GLN A 34 -10.24 1.43 10.40
N ILE A 35 -10.98 0.42 10.85
CA ILE A 35 -12.35 0.19 10.31
C ILE A 35 -13.35 1.17 10.92
N HIS A 36 -14.16 1.80 10.08
CA HIS A 36 -15.19 2.69 10.58
C HIS A 36 -16.56 2.22 10.23
N ARG A 37 -17.53 2.63 11.05
CA ARG A 37 -18.90 2.19 10.86
C ARG A 37 -19.05 0.70 10.96
N GLY A 38 -18.36 0.10 11.93
CA GLY A 38 -18.43 -1.34 12.07
C GLY A 38 -17.08 -1.81 12.57
N GLY A 39 -16.81 -3.10 12.42
CA GLY A 39 -15.59 -3.69 12.92
C GLY A 39 -15.78 -3.99 14.41
N PRO A 40 -14.73 -4.53 15.01
CA PRO A 40 -14.87 -4.92 16.46
C PRO A 40 -14.83 -3.72 17.39
N GLU A 41 -15.48 -3.85 18.53
CA GLU A 41 -15.38 -2.89 19.58
C GLU A 41 -14.14 -3.07 20.43
N ARG A 42 -13.64 -4.31 20.56
CA ARG A 42 -12.50 -4.60 21.37
C ARG A 42 -11.54 -5.52 20.55
N ILE A 43 -10.26 -5.16 20.54
CA ILE A 43 -9.19 -6.00 19.92
C ILE A 43 -8.15 -6.34 20.96
N LYS A 44 -7.87 -7.64 21.16
CA LYS A 44 -6.93 -8.08 22.18
C LYS A 44 -5.80 -8.63 21.28
N VAL A 45 -4.60 -8.16 21.47
CA VAL A 45 -3.45 -8.65 20.67
C VAL A 45 -2.44 -9.25 21.58
N ILE A 46 -2.03 -10.49 21.29
CA ILE A 46 -1.23 -11.30 22.26
C ILE A 46 0.02 -11.77 21.59
N ASP A 47 1.17 -11.36 22.07
CA ASP A 47 2.49 -11.77 21.50
C ASP A 47 3.55 -11.39 22.57
N GLY A 48 4.47 -12.32 22.76
CA GLY A 48 5.56 -12.09 23.72
C GLY A 48 6.76 -11.37 23.22
N GLN A 49 6.82 -11.04 21.93
CA GLN A 49 8.10 -10.60 21.41
C GLN A 49 8.26 -9.10 21.36
N LYS A 50 9.52 -8.65 21.44
CA LYS A 50 9.79 -7.25 21.25
C LYS A 50 10.20 -6.87 19.85
N VAL A 51 10.03 -5.57 19.51
CA VAL A 51 10.57 -5.01 18.22
C VAL A 51 12.07 -5.15 18.14
N SER A 52 12.56 -5.76 17.04
CA SER A 52 14.03 -5.84 16.83
C SER A 52 14.42 -5.01 15.62
N ALA A 53 15.72 -4.91 15.33
CA ALA A 53 16.13 -4.05 14.23
C ALA A 53 15.53 -4.58 12.93
N ASP A 54 15.35 -5.91 12.80
CA ASP A 54 14.83 -6.43 11.52
C ASP A 54 13.36 -6.18 11.27
N ASP A 55 12.66 -5.65 12.27
CA ASP A 55 11.20 -5.43 12.16
C ASP A 55 11.00 -4.06 11.60
N LEU A 56 11.42 -3.90 10.34
CA LEU A 56 11.39 -2.59 9.78
C LEU A 56 10.01 -1.99 9.66
N ILE A 57 8.97 -2.80 9.40
CA ILE A 57 7.62 -2.21 9.30
C ILE A 57 7.19 -1.53 10.62
N PHE A 58 7.58 -2.09 11.77
CA PHE A 58 7.31 -1.46 13.04
C PHE A 58 8.13 -0.15 13.18
N ARG A 59 9.42 -0.25 12.82
CA ARG A 59 10.30 0.93 12.99
C ARG A 59 9.86 2.08 12.05
N LEU A 60 9.46 1.77 10.83
CA LEU A 60 8.97 2.80 9.90
C LEU A 60 7.68 3.48 10.39
N MET A 61 6.93 2.84 11.30
CA MET A 61 5.68 3.44 11.84
C MET A 61 5.89 4.07 13.21
N GLY A 62 7.13 4.10 13.65
CA GLY A 62 7.44 4.87 14.82
C GLY A 62 7.77 4.03 16.05
N ALA A 63 7.77 2.69 15.92
CA ALA A 63 8.13 1.84 17.03
C ALA A 63 9.58 1.91 17.36
N LYS A 64 9.87 1.80 18.65
CA LYS A 64 11.23 1.78 19.12
C LYS A 64 11.74 0.34 19.35
N ILE A 65 12.97 0.07 18.91
CA ILE A 65 13.55 -1.27 19.16
C ILE A 65 13.59 -1.52 20.66
N GLY A 66 13.10 -2.69 21.09
CA GLY A 66 12.96 -3.02 22.48
C GLY A 66 11.56 -2.94 23.07
N GLU A 67 10.68 -2.24 22.37
CA GLU A 67 9.26 -2.10 22.77
C GLU A 67 8.63 -3.44 22.53
N TYR A 68 7.72 -3.87 23.43
CA TYR A 68 6.93 -5.03 23.01
C TYR A 68 6.07 -4.66 21.81
N LYS A 69 5.99 -5.57 20.84
CA LYS A 69 5.11 -5.33 19.62
C LYS A 69 3.68 -4.99 20.06
N VAL A 70 3.12 -5.70 21.04
CA VAL A 70 1.71 -5.44 21.35
C VAL A 70 1.53 -4.10 22.09
N LYS A 71 2.55 -3.68 22.87
CA LYS A 71 2.48 -2.39 23.54
C LYS A 71 2.56 -1.25 22.52
N PHE A 72 3.38 -1.38 21.49
CA PHE A 72 3.37 -0.40 20.43
C PHE A 72 1.99 -0.32 19.79
N ILE A 73 1.41 -1.46 19.44
CA ILE A 73 0.10 -1.41 18.82
C ILE A 73 -0.96 -0.78 19.80
N GLU A 74 -0.95 -1.17 21.06
CA GLU A 74 -1.92 -0.67 22.02
C GLU A 74 -1.71 0.86 22.15
N SER A 75 -0.48 1.33 22.04
CA SER A 75 -0.18 2.74 22.23
C SER A 75 -0.79 3.61 21.14
N LEU A 76 -1.14 3.01 19.98
CA LEU A 76 -1.85 3.75 18.94
C LEU A 76 -3.31 4.04 19.37
N ALA A 77 -3.85 3.27 20.28
CA ALA A 77 -5.23 3.47 20.80
C ALA A 77 -5.25 4.36 22.05
N CYS A 78 -5.20 5.66 21.84
CA CYS A 78 -5.16 6.58 23.01
C CYS A 78 -6.56 6.70 23.65
N ASP A 79 -6.69 7.57 24.65
CA ASP A 79 -7.80 7.56 25.54
C ASP A 79 -9.09 7.91 24.84
N GLY A 80 -8.96 8.73 23.80
CA GLY A 80 -10.10 9.12 22.99
C GLY A 80 -10.56 8.13 21.92
N PHE A 81 -9.81 7.06 21.68
CA PHE A 81 -10.09 6.17 20.55
C PHE A 81 -11.40 5.43 20.85
N SER A 82 -12.24 5.16 19.84
CA SER A 82 -13.57 4.66 20.21
C SER A 82 -13.65 3.12 20.14
N ARG A 83 -12.50 2.47 20.02
CA ARG A 83 -12.45 1.05 20.28
C ARG A 83 -11.35 0.79 21.31
N THR A 84 -11.41 -0.36 21.97
CA THR A 84 -10.49 -0.70 23.06
C THR A 84 -9.50 -1.68 22.44
N VAL A 85 -8.23 -1.41 22.59
CA VAL A 85 -7.22 -2.26 22.10
C VAL A 85 -6.36 -2.61 23.32
N GLN A 86 -6.21 -3.90 23.59
CA GLN A 86 -5.52 -4.42 24.78
C GLN A 86 -4.31 -5.22 24.29
N GLY A 87 -3.09 -4.79 24.59
CA GLY A 87 -1.88 -5.54 24.14
C GLY A 87 -1.47 -6.42 25.34
N ILE A 88 -1.41 -7.74 25.17
CA ILE A 88 -0.98 -8.70 26.21
C ILE A 88 0.45 -9.26 25.83
N PRO A 89 1.52 -8.85 26.54
CA PRO A 89 2.89 -9.16 26.14
C PRO A 89 3.33 -10.51 26.59
N GLU A 90 2.61 -11.53 26.09
CA GLU A 90 2.89 -12.93 26.53
C GLU A 90 2.76 -13.81 25.26
N TYR A 91 3.56 -14.89 25.18
CA TYR A 91 3.32 -15.95 24.22
C TYR A 91 2.22 -16.82 24.77
N ILE A 92 1.32 -17.30 23.89
CA ILE A 92 0.33 -18.31 24.30
C ILE A 92 1.03 -19.67 24.41
N THR A 93 0.79 -20.29 25.56
CA THR A 93 1.18 -21.65 25.80
C THR A 93 -0.07 -22.35 26.36
N GLY A 94 0.09 -23.64 26.72
CA GLY A 94 -0.99 -24.32 27.42
C GLY A 94 -1.40 -23.73 28.76
N ASP A 95 -0.52 -22.99 29.43
CA ASP A 95 -0.85 -22.34 30.66
C ASP A 95 -1.62 -21.06 30.66
N ASN A 96 -1.71 -20.31 29.56
CA ASN A 96 -2.46 -19.13 29.63
C ASN A 96 -3.46 -19.06 28.45
N LEU A 97 -3.87 -20.26 27.97
CA LEU A 97 -4.94 -20.36 26.96
C LEU A 97 -6.15 -19.60 27.42
N ARG A 98 -6.36 -19.47 28.74
CA ARG A 98 -7.48 -18.74 29.28
C ARG A 98 -7.53 -17.23 28.86
N LEU A 99 -6.43 -16.71 28.25
CA LEU A 99 -6.42 -15.32 27.76
C LEU A 99 -7.14 -15.20 26.47
N ILE A 100 -7.46 -16.33 25.87
CA ILE A 100 -8.13 -16.29 24.53
C ILE A 100 -9.61 -16.15 24.79
N GLY A 101 -10.24 -15.11 24.24
CA GLY A 101 -11.70 -15.03 24.45
C GLY A 101 -12.39 -14.47 23.25
N GLY A 102 -13.65 -14.07 23.41
CA GLY A 102 -14.23 -13.16 22.43
C GLY A 102 -14.93 -13.89 21.26
N ASP A 103 -15.26 -13.14 20.22
CA ASP A 103 -16.11 -13.68 19.21
C ASP A 103 -15.33 -14.32 18.07
N VAL A 104 -14.16 -13.76 17.79
CA VAL A 104 -13.33 -14.33 16.66
C VAL A 104 -11.89 -14.37 17.20
N VAL A 105 -11.19 -15.52 16.94
CA VAL A 105 -9.78 -15.63 17.31
C VAL A 105 -9.05 -15.91 16.04
N CYS A 106 -8.04 -15.10 15.77
CA CYS A 106 -7.22 -15.11 14.52
C CYS A 106 -5.80 -15.43 14.93
N VAL A 107 -5.27 -16.54 14.44
CA VAL A 107 -3.87 -16.95 14.82
C VAL A 107 -2.95 -16.67 13.63
N GLU A 108 -1.96 -15.80 13.86
CA GLU A 108 -1.00 -15.37 12.84
C GLU A 108 0.39 -15.40 13.45
N ILE A 109 0.80 -16.60 13.82
CA ILE A 109 2.12 -16.74 14.51
C ILE A 109 3.10 -17.41 13.54
N ALA A 110 4.37 -17.31 13.82
CA ALA A 110 5.47 -17.93 13.06
C ALA A 110 6.66 -18.00 13.94
N GLY A 111 7.54 -18.96 13.58
CA GLY A 111 8.85 -19.00 14.23
C GLY A 111 8.84 -20.26 15.03
N GLY A 112 9.66 -21.18 14.62
CA GLY A 112 9.76 -22.52 15.26
C GLY A 112 8.46 -23.28 15.01
N ASP A 113 8.14 -24.11 15.97
CA ASP A 113 7.14 -25.13 15.81
C ASP A 113 5.75 -24.60 16.27
N THR A 114 5.02 -23.99 15.34
CA THR A 114 3.75 -23.28 15.73
C THR A 114 2.48 -24.08 15.52
N LEU A 115 2.49 -25.17 14.75
CA LEU A 115 1.25 -25.96 14.49
C LEU A 115 0.63 -26.59 15.76
N PRO A 116 1.44 -27.12 16.70
CA PRO A 116 0.83 -27.70 17.88
C PRO A 116 0.09 -26.63 18.68
N ILE A 117 0.68 -25.47 18.92
CA ILE A 117 -0.07 -24.50 19.72
C ILE A 117 -1.27 -23.92 18.93
N THR A 118 -1.12 -23.79 17.58
CA THR A 118 -2.28 -23.33 16.78
C THR A 118 -3.45 -24.29 17.00
N THR A 119 -3.15 -25.58 17.04
CA THR A 119 -4.20 -26.61 17.20
C THR A 119 -4.84 -26.45 18.59
N GLU A 120 -3.98 -26.25 19.60
CA GLU A 120 -4.55 -26.02 20.92
C GLU A 120 -5.39 -24.79 21.06
N ILE A 121 -4.94 -23.70 20.40
CA ILE A 121 -5.74 -22.48 20.48
C ILE A 121 -7.08 -22.68 19.82
N ILE A 122 -7.06 -23.34 18.64
CA ILE A 122 -8.35 -23.57 17.94
C ILE A 122 -9.24 -24.43 18.81
N ARG A 123 -8.74 -25.53 19.38
CA ARG A 123 -9.65 -26.39 20.25
C ARG A 123 -10.27 -25.65 21.41
N TYR A 124 -9.48 -24.81 22.07
CA TYR A 124 -9.96 -24.08 23.22
C TYR A 124 -10.91 -22.96 22.75
N ALA A 125 -10.50 -22.18 21.74
CA ALA A 125 -11.42 -21.10 21.27
C ALA A 125 -12.74 -21.65 20.83
N GLN A 126 -12.76 -22.81 20.15
CA GLN A 126 -14.09 -23.38 19.78
C GLN A 126 -14.90 -23.83 21.00
N GLU A 127 -14.22 -24.42 21.97
CA GLU A 127 -14.95 -24.78 23.21
C GLU A 127 -15.68 -23.57 23.77
N ARG A 128 -15.04 -22.40 23.70
CA ARG A 128 -15.56 -21.14 24.33
C ARG A 128 -16.51 -20.52 23.35
N GLY A 129 -16.77 -21.15 22.22
CA GLY A 129 -17.75 -20.58 21.26
C GLY A 129 -17.26 -19.57 20.27
N ALA A 130 -15.95 -19.27 20.26
CA ALA A 130 -15.38 -18.29 19.28
C ALA A 130 -15.31 -18.96 17.91
N ALA A 131 -15.40 -18.11 16.88
CA ALA A 131 -15.14 -18.56 15.50
C ALA A 131 -13.64 -18.36 15.30
N THR A 132 -13.02 -19.23 14.54
CA THR A 132 -11.54 -19.26 14.44
C THR A 132 -11.02 -19.18 13.01
N ILE A 133 -9.82 -18.57 12.89
CA ILE A 133 -9.23 -18.40 11.51
C ILE A 133 -7.72 -18.37 11.72
N SER A 134 -6.99 -18.92 10.75
CA SER A 134 -5.55 -18.89 10.80
C SER A 134 -4.99 -19.01 9.41
N THR A 135 -3.64 -19.14 9.30
CA THR A 135 -3.01 -19.10 7.98
C THR A 135 -2.64 -20.46 7.43
N MET A 136 -2.55 -20.55 6.07
CA MET A 136 -2.15 -21.82 5.44
C MET A 136 -1.01 -21.61 4.50
N GLY A 137 -0.03 -20.85 4.98
CA GLY A 137 1.24 -20.52 4.26
C GLY A 137 1.15 -19.09 3.80
N VAL A 138 2.17 -18.29 4.12
CA VAL A 138 2.18 -16.88 3.75
C VAL A 138 3.44 -16.51 2.93
N PHE A 139 4.21 -17.49 2.54
CA PHE A 139 5.45 -17.25 1.74
C PHE A 139 5.04 -16.89 0.31
N GLY A 140 5.96 -16.22 -0.42
CA GLY A 140 5.66 -15.90 -1.82
C GLY A 140 6.44 -14.66 -2.18
N ILE A 141 6.67 -14.50 -3.47
CA ILE A 141 7.53 -13.35 -3.92
C ILE A 141 6.72 -12.16 -4.36
N GLY A 142 5.41 -12.28 -4.51
CA GLY A 142 4.61 -11.07 -4.77
C GLY A 142 3.23 -11.25 -5.36
N GLU A 143 3.07 -12.00 -6.46
CA GLU A 143 1.70 -12.05 -7.07
C GLU A 143 0.91 -13.37 -6.84
N GLU A 144 1.44 -14.28 -5.99
CA GLU A 144 0.78 -15.57 -5.68
C GLU A 144 -0.65 -15.33 -5.23
N ASP A 145 -1.56 -16.17 -5.72
CA ASP A 145 -2.98 -16.05 -5.33
C ASP A 145 -3.10 -16.29 -3.79
N VAL A 146 -3.88 -15.41 -3.14
CA VAL A 146 -4.24 -15.58 -1.68
C VAL A 146 -5.67 -16.15 -1.68
N SER A 147 -5.80 -17.32 -1.13
CA SER A 147 -7.11 -17.97 -1.06
C SER A 147 -7.64 -18.14 0.35
N VAL A 148 -8.97 -18.36 0.40
CA VAL A 148 -9.68 -18.52 1.67
C VAL A 148 -10.57 -19.76 1.60
N VAL A 149 -10.40 -20.68 2.56
CA VAL A 149 -11.16 -21.89 2.51
C VAL A 149 -11.59 -22.28 3.92
N ASP A 150 -12.70 -23.00 4.08
CA ASP A 150 -12.94 -23.71 5.31
C ASP A 150 -12.00 -24.93 5.28
N ILE A 151 -11.58 -25.34 6.47
CA ILE A 151 -10.57 -26.45 6.52
C ILE A 151 -11.02 -27.73 5.75
N ASP A 152 -12.30 -28.06 5.79
CA ASP A 152 -12.68 -29.32 5.20
C ASP A 152 -12.89 -29.16 3.69
N GLU A 153 -12.73 -27.97 3.16
CA GLU A 153 -12.75 -27.76 1.69
C GLU A 153 -11.37 -27.42 1.23
N ALA A 154 -10.32 -27.49 2.06
CA ALA A 154 -9.02 -27.00 1.65
C ALA A 154 -8.46 -27.88 0.54
N ASP A 155 -7.47 -27.34 -0.19
CA ASP A 155 -6.78 -28.13 -1.25
C ASP A 155 -5.98 -29.14 -0.42
N PRO A 156 -6.21 -30.40 -0.69
CA PRO A 156 -5.55 -31.40 0.12
C PRO A 156 -3.99 -31.46 -0.05
N GLU A 157 -3.44 -30.75 -1.02
CA GLU A 157 -1.98 -30.70 -1.07
C GLU A 157 -1.40 -29.80 -0.01
N ASN A 158 -2.20 -28.93 0.62
CA ASN A 158 -1.56 -28.00 1.53
C ASN A 158 -1.21 -28.64 2.88
N PRO A 159 0.07 -28.57 3.29
CA PRO A 159 0.47 -29.45 4.40
C PRO A 159 -0.05 -28.88 5.74
N ILE A 160 -0.34 -27.56 5.80
CA ILE A 160 -0.98 -27.01 7.04
C ILE A 160 -2.45 -27.53 7.21
N ALA A 161 -3.21 -27.52 6.14
CA ALA A 161 -4.54 -28.08 6.22
C ALA A 161 -4.47 -29.58 6.49
N ALA A 162 -3.48 -30.28 5.91
CA ALA A 162 -3.44 -31.71 6.12
C ALA A 162 -3.14 -31.99 7.60
N TYR A 163 -2.27 -31.18 8.19
CA TYR A 163 -1.92 -31.35 9.66
C TYR A 163 -3.13 -31.10 10.53
N LEU A 164 -3.79 -29.96 10.27
CA LEU A 164 -4.93 -29.61 11.16
C LEU A 164 -6.07 -30.61 10.99
N GLN A 165 -6.29 -31.10 9.75
CA GLN A 165 -7.27 -32.16 9.50
C GLN A 165 -6.88 -33.41 10.28
N ALA A 166 -5.64 -33.82 10.29
CA ALA A 166 -5.21 -34.98 11.06
C ALA A 166 -5.37 -34.79 12.57
N GLU A 167 -5.42 -33.55 13.01
CA GLU A 167 -5.71 -33.23 14.42
C GLU A 167 -7.22 -33.03 14.70
N GLY A 168 -8.10 -33.38 13.76
CA GLY A 168 -9.53 -33.27 13.91
C GLY A 168 -10.13 -31.89 14.03
N ILE A 169 -9.47 -30.91 13.41
CA ILE A 169 -10.03 -29.52 13.41
C ILE A 169 -11.09 -29.41 12.31
N HIS A 170 -12.24 -28.89 12.72
CA HIS A 170 -13.34 -28.52 11.77
C HIS A 170 -13.78 -27.11 12.00
N GLU A 171 -14.64 -26.57 11.07
CA GLU A 171 -15.27 -25.24 11.29
C GLU A 171 -14.22 -24.20 11.56
N HIS A 172 -13.29 -24.14 10.65
CA HIS A 172 -12.16 -23.23 10.85
C HIS A 172 -11.76 -22.66 9.49
N VAL A 173 -11.53 -21.35 9.44
CA VAL A 173 -11.18 -20.74 8.16
C VAL A 173 -9.64 -20.64 8.06
N LEU A 174 -9.15 -20.92 6.86
CA LEU A 174 -7.69 -20.81 6.56
C LEU A 174 -7.49 -19.81 5.43
N VAL A 175 -6.50 -18.90 5.56
CA VAL A 175 -6.21 -17.94 4.46
C VAL A 175 -4.69 -18.12 4.12
N GLY A 176 -4.32 -18.07 2.86
CA GLY A 176 -2.88 -17.97 2.59
C GLY A 176 -2.59 -18.21 1.12
N THR A 177 -1.30 -18.30 0.86
CA THR A 177 -0.78 -18.55 -0.52
C THR A 177 -0.53 -20.08 -0.69
N GLY A 178 -0.48 -20.88 0.40
CA GLY A 178 -0.06 -22.28 0.34
C GLY A 178 1.42 -22.46 0.01
N LYS A 179 2.25 -21.41 0.11
CA LYS A 179 3.72 -21.58 0.15
C LYS A 179 4.18 -21.46 1.58
N LEU A 180 5.08 -22.38 1.95
CA LEU A 180 5.49 -22.64 3.29
C LEU A 180 7.01 -22.52 3.40
N ILE A 181 7.54 -22.71 4.61
CA ILE A 181 9.00 -22.65 4.85
C ILE A 181 9.85 -23.55 3.94
N ARG A 182 9.33 -24.75 3.59
CA ARG A 182 10.05 -25.61 2.65
C ARG A 182 10.08 -25.15 1.19
N ASP A 183 9.21 -24.20 0.82
CA ASP A 183 9.23 -23.70 -0.56
C ASP A 183 10.39 -22.74 -0.74
N TRP A 184 10.82 -22.52 -1.99
CA TRP A 184 11.99 -21.66 -2.17
C TRP A 184 11.69 -20.19 -1.87
N GLU A 185 10.44 -19.76 -1.98
CA GLU A 185 10.12 -18.30 -1.91
C GLU A 185 10.31 -17.82 -0.44
N PRO A 186 10.74 -16.58 -0.24
CA PRO A 186 10.78 -15.96 1.08
C PRO A 186 9.48 -15.29 1.41
N VAL A 187 9.46 -14.48 2.48
CA VAL A 187 8.28 -13.72 2.89
C VAL A 187 8.51 -12.26 2.42
N THR A 188 7.62 -11.76 1.56
CA THR A 188 7.77 -10.42 1.08
C THR A 188 6.67 -9.49 1.61
N PRO A 189 6.93 -8.19 1.66
CA PRO A 189 5.92 -7.32 2.23
C PRO A 189 4.66 -7.18 1.40
N HIS A 190 4.73 -7.23 0.09
CA HIS A 190 3.52 -7.14 -0.69
C HIS A 190 2.56 -8.37 -0.48
N VAL A 191 3.12 -9.58 -0.38
CA VAL A 191 2.31 -10.76 -0.09
C VAL A 191 1.69 -10.57 1.33
N LEU A 192 2.43 -10.05 2.29
CA LEU A 192 1.84 -9.92 3.62
C LEU A 192 0.72 -8.89 3.61
N ASP A 193 0.90 -7.81 2.84
CA ASP A 193 -0.21 -6.87 2.81
C ASP A 193 -1.44 -7.54 2.20
N ARG A 194 -1.28 -8.34 1.13
CA ARG A 194 -2.46 -9.01 0.50
C ARG A 194 -3.10 -10.01 1.46
N VAL A 195 -2.28 -10.81 2.15
CA VAL A 195 -2.79 -11.74 3.16
C VAL A 195 -3.59 -11.00 4.29
N SER A 196 -3.02 -9.88 4.78
CA SER A 196 -3.67 -9.18 5.88
C SER A 196 -5.00 -8.55 5.39
N GLU A 197 -5.05 -8.05 4.16
CA GLU A 197 -6.33 -7.45 3.66
C GLU A 197 -7.38 -8.54 3.60
N VAL A 198 -6.99 -9.74 3.12
CA VAL A 198 -7.98 -10.82 2.94
C VAL A 198 -8.38 -11.34 4.38
N MET A 199 -7.40 -11.48 5.29
CA MET A 199 -7.72 -11.90 6.67
C MET A 199 -8.67 -10.96 7.35
N THR A 200 -8.46 -9.65 7.09
CA THR A 200 -9.36 -8.63 7.69
C THR A 200 -10.80 -8.79 7.20
N ALA A 201 -10.96 -8.94 5.90
CA ALA A 201 -12.31 -9.12 5.31
C ALA A 201 -12.95 -10.39 5.92
N GLU A 202 -12.13 -11.45 6.05
CA GLU A 202 -12.70 -12.70 6.61
C GLU A 202 -13.08 -12.59 8.06
N ILE A 203 -12.28 -11.86 8.86
CA ILE A 203 -12.65 -11.57 10.22
C ILE A 203 -13.96 -10.81 10.32
N LEU A 204 -14.15 -9.79 9.44
CA LEU A 204 -15.42 -9.07 9.45
C LEU A 204 -16.58 -9.97 9.09
N LYS A 205 -16.44 -10.93 8.20
CA LYS A 205 -17.51 -11.80 7.92
C LYS A 205 -17.83 -12.66 9.15
N LEU A 206 -16.80 -13.14 9.88
CA LEU A 206 -17.11 -13.94 11.03
C LEU A 206 -17.71 -13.05 12.17
N LEU A 207 -17.40 -11.78 12.26
CA LEU A 207 -17.94 -10.95 13.29
C LEU A 207 -19.40 -10.67 13.07
N ARG A 208 -19.78 -10.71 11.80
CA ARG A 208 -21.17 -10.44 11.44
C ARG A 208 -21.95 -11.61 11.89
N GLY A 209 -21.53 -12.76 11.39
CA GLY A 209 -22.16 -14.03 11.63
C GLY A 209 -22.48 -14.27 13.08
N ALA A 210 -21.85 -13.53 13.98
CA ALA A 210 -22.05 -13.75 15.40
C ALA A 210 -23.24 -12.97 15.92
N LYS B 10 5.57 18.26 -20.00
CA LYS B 10 5.44 17.14 -19.03
C LYS B 10 5.82 17.67 -17.66
N VAL B 11 5.09 18.69 -17.25
CA VAL B 11 5.26 19.38 -15.97
C VAL B 11 3.84 19.52 -15.44
N PRO B 12 3.72 19.86 -14.15
CA PRO B 12 2.37 19.99 -13.60
C PRO B 12 1.62 21.13 -14.24
N HIS B 13 0.32 20.95 -14.41
CA HIS B 13 -0.53 21.95 -15.13
C HIS B 13 -1.92 21.88 -14.45
N GLY B 14 -2.56 23.04 -14.25
CA GLY B 14 -3.98 22.98 -13.85
C GLY B 14 -4.25 22.89 -12.36
N GLU B 15 -5.53 23.04 -11.97
CA GLU B 15 -5.88 23.10 -10.57
C GLU B 15 -6.96 22.04 -10.27
N VAL B 16 -6.73 21.22 -9.25
CA VAL B 16 -7.72 20.26 -8.70
C VAL B 16 -8.22 20.75 -7.37
N THR B 17 -9.56 20.76 -7.15
CA THR B 17 -10.10 21.09 -5.80
C THR B 17 -10.68 19.79 -5.23
N LEU B 18 -10.18 19.40 -4.05
CA LEU B 18 -10.72 18.25 -3.33
C LEU B 18 -11.63 18.75 -2.25
N VAL B 19 -12.94 18.47 -2.30
CA VAL B 19 -13.87 18.85 -1.28
C VAL B 19 -14.05 17.63 -0.38
N GLY B 20 -13.52 17.66 0.87
CA GLY B 20 -13.55 16.44 1.72
C GLY B 20 -12.13 15.94 1.92
N ALA B 21 -11.69 15.89 3.15
CA ALA B 21 -10.27 15.44 3.41
C ALA B 21 -10.26 14.48 4.57
N GLY B 22 -11.28 13.60 4.56
CA GLY B 22 -11.46 12.54 5.57
C GLY B 22 -10.58 11.35 5.15
N ARG B 23 -10.97 10.17 5.57
CA ARG B 23 -10.14 8.98 5.35
C ARG B 23 -10.02 8.76 3.84
N LEU B 24 -11.04 9.02 3.03
CA LEU B 24 -10.82 8.93 1.62
C LEU B 24 -10.13 10.10 0.95
N GLY B 25 -10.63 11.31 1.21
CA GLY B 25 -10.01 12.48 0.61
C GLY B 25 -8.51 12.71 0.95
N PHE B 26 -8.10 12.37 2.20
CA PHE B 26 -6.65 12.47 2.57
C PHE B 26 -5.85 11.54 1.67
N ARG B 27 -6.35 10.30 1.51
CA ARG B 27 -5.63 9.36 0.56
C ARG B 27 -5.54 9.93 -0.85
N THR B 28 -6.62 10.56 -1.33
CA THR B 28 -6.55 11.06 -2.72
C THR B 28 -5.61 12.27 -2.73
N ALA B 29 -5.63 13.13 -1.69
CA ALA B 29 -4.66 14.21 -1.62
C ALA B 29 -3.23 13.68 -1.66
N LEU B 30 -2.94 12.64 -0.84
CA LEU B 30 -1.57 12.17 -0.78
C LEU B 30 -1.18 11.56 -2.18
N ASN B 31 -2.09 10.86 -2.83
CA ASN B 31 -1.78 10.33 -4.18
C ASN B 31 -1.48 11.52 -5.13
N LEU B 32 -2.33 12.56 -5.15
CA LEU B 32 -2.10 13.65 -6.09
C LEU B 32 -0.81 14.40 -5.78
N MET B 33 -0.46 14.51 -4.50
CA MET B 33 0.77 15.30 -4.17
C MET B 33 2.04 14.60 -4.58
N GLN B 34 1.96 13.31 -4.85
CA GLN B 34 3.16 12.56 -5.28
C GLN B 34 3.29 12.36 -6.75
N ILE B 35 2.41 12.95 -7.54
CA ILE B 35 2.55 12.78 -8.97
C ILE B 35 3.66 13.62 -9.53
N HIS B 36 4.45 13.02 -10.40
CA HIS B 36 5.55 13.77 -10.98
C HIS B 36 5.42 13.74 -12.48
N ARG B 37 6.08 14.72 -13.14
CA ARG B 37 6.02 14.84 -14.62
C ARG B 37 4.63 15.08 -15.12
N GLY B 38 3.88 15.81 -14.31
CA GLY B 38 2.51 16.08 -14.65
C GLY B 38 1.63 16.20 -13.43
N GLY B 39 0.33 15.94 -13.59
CA GLY B 39 -0.57 16.19 -12.46
C GLY B 39 -0.87 17.67 -12.34
N PRO B 40 -1.63 18.07 -11.30
CA PRO B 40 -2.02 19.47 -11.11
C PRO B 40 -0.84 20.34 -10.64
N GLU B 41 -0.81 21.61 -11.06
CA GLU B 41 0.15 22.56 -10.49
C GLU B 41 -0.37 23.08 -9.15
N ARG B 42 -1.70 23.04 -8.93
CA ARG B 42 -2.20 23.55 -7.63
C ARG B 42 -3.31 22.59 -7.15
N ILE B 43 -3.27 22.26 -5.87
CA ILE B 43 -4.30 21.45 -5.26
C ILE B 43 -4.87 22.23 -4.11
N LYS B 44 -6.20 22.39 -4.13
CA LYS B 44 -6.94 23.02 -3.02
C LYS B 44 -7.66 21.90 -2.29
N VAL B 45 -7.55 21.86 -0.95
CA VAL B 45 -8.25 20.82 -0.22
C VAL B 45 -9.11 21.54 0.83
N ILE B 46 -10.42 21.28 0.81
CA ILE B 46 -11.39 22.01 1.62
C ILE B 46 -12.13 21.08 2.59
N ASP B 47 -12.02 21.29 3.89
CA ASP B 47 -12.74 20.50 4.84
C ASP B 47 -12.53 21.24 6.14
N GLY B 48 -13.54 21.29 6.96
CA GLY B 48 -13.34 22.09 8.18
C GLY B 48 -13.10 21.24 9.40
N GLN B 49 -12.82 19.92 9.24
CA GLN B 49 -12.71 19.08 10.41
C GLN B 49 -11.30 18.95 10.93
N LYS B 50 -11.17 18.73 12.23
CA LYS B 50 -9.87 18.53 12.83
C LYS B 50 -9.61 17.04 13.08
N VAL B 51 -8.33 16.75 13.17
CA VAL B 51 -7.82 15.38 13.51
C VAL B 51 -8.32 14.98 14.90
N SER B 52 -8.91 13.78 14.94
CA SER B 52 -9.44 13.24 16.20
C SER B 52 -8.73 11.95 16.50
N ALA B 53 -8.97 11.39 17.68
CA ALA B 53 -8.18 10.19 18.05
C ALA B 53 -8.40 9.05 17.02
N ASP B 54 -9.62 9.00 16.50
CA ASP B 54 -9.97 7.90 15.61
C ASP B 54 -9.45 8.12 14.21
N ASP B 55 -8.83 9.27 13.95
CA ASP B 55 -8.18 9.46 12.65
C ASP B 55 -6.79 8.90 12.66
N LEU B 56 -6.73 7.55 12.68
CA LEU B 56 -5.47 6.91 12.87
C LEU B 56 -4.57 7.13 11.64
N ILE B 57 -5.13 7.14 10.41
CA ILE B 57 -4.28 7.27 9.25
C ILE B 57 -3.54 8.62 9.32
N PHE B 58 -4.22 9.65 9.82
CA PHE B 58 -3.53 10.96 10.00
C PHE B 58 -2.47 10.91 11.10
N ARG B 59 -2.81 10.30 12.23
CA ARG B 59 -1.93 10.29 13.35
C ARG B 59 -0.66 9.46 13.01
N LEU B 60 -0.84 8.38 12.22
CA LEU B 60 0.39 7.57 11.86
C LEU B 60 1.35 8.32 10.92
N MET B 61 0.83 9.33 10.24
CA MET B 61 1.71 10.16 9.43
C MET B 61 2.16 11.39 10.22
N GLY B 62 1.85 11.53 11.51
CA GLY B 62 2.37 12.59 12.35
C GLY B 62 1.48 13.77 12.62
N ALA B 63 0.22 13.66 12.20
CA ALA B 63 -0.74 14.70 12.53
C ALA B 63 -1.03 14.69 14.01
N LYS B 64 -1.24 15.87 14.58
CA LYS B 64 -1.57 15.94 16.00
C LYS B 64 -3.09 16.14 16.18
N ILE B 65 -3.64 15.51 17.21
CA ILE B 65 -5.06 15.71 17.55
C ILE B 65 -5.37 17.21 17.72
N GLY B 66 -6.44 17.70 17.09
CA GLY B 66 -6.80 19.12 17.18
C GLY B 66 -6.40 19.99 15.98
N GLU B 67 -5.45 19.49 15.17
CA GLU B 67 -4.93 20.17 13.97
C GLU B 67 -6.06 20.08 12.94
N TYR B 68 -6.25 21.10 12.11
CA TYR B 68 -7.14 20.89 10.98
C TYR B 68 -6.51 19.89 10.01
N LYS B 69 -7.32 18.99 9.50
CA LYS B 69 -6.89 17.93 8.53
C LYS B 69 -6.29 18.62 7.36
N VAL B 70 -6.93 19.68 6.83
CA VAL B 70 -6.34 20.27 5.59
C VAL B 70 -5.03 21.08 5.87
N LYS B 71 -4.82 21.59 7.11
CA LYS B 71 -3.57 22.21 7.50
C LYS B 71 -2.46 21.18 7.65
N PHE B 72 -2.80 20.00 8.15
CA PHE B 72 -1.81 18.95 8.19
C PHE B 72 -1.36 18.61 6.77
N ILE B 73 -2.36 18.42 5.89
CA ILE B 73 -2.03 18.14 4.49
C ILE B 73 -1.13 19.21 3.85
N GLU B 74 -1.55 20.47 3.97
CA GLU B 74 -0.80 21.60 3.42
C GLU B 74 0.63 21.63 3.90
N SER B 75 0.84 21.21 5.15
CA SER B 75 2.16 21.30 5.80
C SER B 75 3.14 20.35 5.12
N LEU B 76 2.62 19.34 4.40
CA LEU B 76 3.50 18.35 3.70
C LEU B 76 4.16 19.00 2.44
N ALA B 77 3.60 20.11 1.97
CA ALA B 77 4.13 20.90 0.88
C ALA B 77 4.92 22.13 1.36
N CYS B 78 6.17 21.92 1.76
CA CYS B 78 6.97 23.01 2.30
C CYS B 78 7.35 24.01 1.19
N ASP B 79 8.18 24.98 1.57
CA ASP B 79 8.60 26.09 0.71
C ASP B 79 9.08 25.74 -0.71
N GLY B 80 9.87 24.66 -0.81
CA GLY B 80 10.52 24.28 -2.06
C GLY B 80 9.71 23.36 -2.95
N PHE B 81 8.54 22.91 -2.47
CA PHE B 81 7.63 22.08 -3.25
C PHE B 81 7.26 22.86 -4.52
N SER B 82 7.25 22.18 -5.67
CA SER B 82 7.07 22.82 -6.99
C SER B 82 5.60 22.70 -7.50
N ARG B 83 4.70 22.28 -6.62
CA ARG B 83 3.25 22.46 -6.87
C ARG B 83 2.76 23.15 -5.60
N THR B 84 1.66 23.84 -5.67
CA THR B 84 1.13 24.58 -4.55
C THR B 84 0.02 23.71 -3.95
N VAL B 85 -0.05 23.61 -2.62
CA VAL B 85 -1.10 22.89 -2.01
C VAL B 85 -1.68 23.81 -0.99
N GLN B 86 -2.98 24.10 -1.11
CA GLN B 86 -3.61 24.99 -0.10
C GLN B 86 -4.69 24.32 0.68
N GLY B 87 -4.54 24.36 1.99
CA GLY B 87 -5.58 23.78 2.87
C GLY B 87 -6.55 24.87 3.22
N ILE B 88 -7.83 24.64 2.96
CA ILE B 88 -8.90 25.60 3.32
C ILE B 88 -9.82 25.02 4.38
N PRO B 89 -9.70 25.52 5.61
CA PRO B 89 -10.33 24.80 6.73
C PRO B 89 -11.74 25.31 6.93
N GLU B 90 -12.60 24.98 5.99
CA GLU B 90 -13.95 25.43 6.02
C GLU B 90 -14.88 24.34 5.58
N TYR B 91 -16.06 24.31 6.21
CA TYR B 91 -17.18 23.43 5.86
C TYR B 91 -18.01 24.13 4.72
N ILE B 92 -18.26 23.44 3.58
CA ILE B 92 -18.98 24.09 2.39
C ILE B 92 -20.50 24.03 2.62
N THR B 93 -21.12 25.20 2.47
CA THR B 93 -22.54 25.37 2.49
C THR B 93 -22.90 26.08 1.17
N GLY B 94 -24.17 26.04 0.82
CA GLY B 94 -24.64 26.73 -0.34
C GLY B 94 -24.29 28.20 -0.45
N ASP B 95 -23.68 28.79 0.57
CA ASP B 95 -23.22 30.17 0.50
C ASP B 95 -21.69 30.42 0.55
N ASN B 96 -20.87 29.39 0.66
CA ASN B 96 -19.49 29.70 0.52
C ASN B 96 -19.00 28.97 -0.71
N LEU B 97 -19.92 28.88 -1.72
CA LEU B 97 -19.53 28.13 -2.89
C LEU B 97 -18.44 28.87 -3.64
N ARG B 98 -18.19 30.13 -3.30
CA ARG B 98 -17.09 30.90 -3.88
C ARG B 98 -15.71 30.18 -3.76
N LEU B 99 -15.58 29.27 -2.77
CA LEU B 99 -14.27 28.62 -2.60
C LEU B 99 -14.05 27.52 -3.68
N ILE B 100 -15.13 27.17 -4.36
CA ILE B 100 -15.19 26.15 -5.51
C ILE B 100 -14.76 26.81 -6.82
N GLY B 101 -13.68 26.32 -7.38
CA GLY B 101 -13.30 26.68 -8.79
C GLY B 101 -12.24 25.76 -9.35
N GLY B 102 -11.40 26.21 -10.29
CA GLY B 102 -10.34 25.30 -10.84
C GLY B 102 -10.79 24.43 -12.01
N ASP B 103 -9.97 23.44 -12.37
CA ASP B 103 -10.23 22.72 -13.60
C ASP B 103 -10.96 21.43 -13.29
N VAL B 104 -10.70 20.86 -12.11
CA VAL B 104 -11.40 19.58 -11.74
C VAL B 104 -11.81 19.72 -10.32
N VAL B 105 -13.07 19.37 -10.00
CA VAL B 105 -13.58 19.44 -8.61
C VAL B 105 -14.01 18.02 -8.27
N CYS B 106 -13.42 17.42 -7.20
CA CYS B 106 -13.66 16.05 -6.77
C CYS B 106 -14.30 16.15 -5.37
N VAL B 107 -15.53 15.69 -5.19
CA VAL B 107 -16.20 15.67 -3.91
C VAL B 107 -16.14 14.32 -3.28
N GLU B 108 -15.53 14.29 -2.10
CA GLU B 108 -15.37 13.00 -1.38
C GLU B 108 -15.81 13.14 0.03
N ILE B 109 -17.15 13.00 0.20
CA ILE B 109 -17.76 12.68 1.56
C ILE B 109 -18.78 11.58 1.43
N ALA B 110 -18.67 10.60 2.35
CA ALA B 110 -19.52 9.39 2.32
C ALA B 110 -20.94 9.78 2.71
N GLY B 111 -21.91 8.92 2.32
CA GLY B 111 -23.26 8.90 2.91
C GLY B 111 -24.25 9.76 2.11
N GLY B 112 -25.50 9.72 2.57
CA GLY B 112 -26.56 10.43 1.80
C GLY B 112 -26.80 11.87 2.25
N ASP B 113 -26.33 12.15 3.49
CA ASP B 113 -26.42 13.49 4.18
C ASP B 113 -25.67 14.60 3.50
N THR B 114 -24.79 14.19 2.62
CA THR B 114 -24.02 15.13 1.80
C THR B 114 -24.55 15.34 0.39
N LEU B 115 -25.61 14.64 -0.02
CA LEU B 115 -25.97 14.73 -1.46
C LEU B 115 -26.52 16.11 -1.90
N PRO B 116 -27.30 16.80 -1.05
CA PRO B 116 -27.77 18.16 -1.51
C PRO B 116 -26.59 19.07 -1.72
N ILE B 117 -25.64 19.11 -0.79
CA ILE B 117 -24.45 19.96 -1.03
C ILE B 117 -23.63 19.45 -2.19
N THR B 118 -23.51 18.11 -2.34
CA THR B 118 -22.69 17.61 -3.46
C THR B 118 -23.31 18.10 -4.78
N THR B 119 -24.64 18.05 -4.87
CA THR B 119 -25.34 18.49 -6.07
C THR B 119 -25.08 20.01 -6.27
N GLU B 120 -25.17 20.84 -5.24
CA GLU B 120 -24.90 22.29 -5.36
C GLU B 120 -23.45 22.54 -5.84
N ILE B 121 -22.51 21.74 -5.32
CA ILE B 121 -21.15 21.96 -5.73
C ILE B 121 -20.94 21.55 -7.21
N ILE B 122 -21.51 20.43 -7.63
CA ILE B 122 -21.38 20.02 -9.02
C ILE B 122 -21.95 21.10 -9.98
N ARG B 123 -23.15 21.61 -9.65
CA ARG B 123 -23.73 22.64 -10.52
C ARG B 123 -22.84 23.85 -10.58
N TYR B 124 -22.35 24.33 -9.41
CA TYR B 124 -21.53 25.59 -9.37
C TYR B 124 -20.23 25.39 -10.12
N ALA B 125 -19.63 24.21 -9.91
CA ALA B 125 -18.38 23.89 -10.62
C ALA B 125 -18.57 23.83 -12.11
N GLN B 126 -19.60 23.09 -12.55
CA GLN B 126 -19.80 22.98 -14.02
C GLN B 126 -20.13 24.34 -14.66
N GLU B 127 -20.91 25.17 -14.03
CA GLU B 127 -21.21 26.44 -14.64
C GLU B 127 -19.95 27.33 -14.74
N ARG B 128 -18.88 27.06 -13.98
CA ARG B 128 -17.55 27.77 -14.07
C ARG B 128 -16.59 26.96 -14.93
N GLY B 129 -17.08 25.93 -15.61
CA GLY B 129 -16.22 25.22 -16.55
C GLY B 129 -15.34 24.13 -15.98
N ALA B 130 -15.56 23.79 -14.71
CA ALA B 130 -14.80 22.64 -14.12
C ALA B 130 -15.44 21.29 -14.52
N ALA B 131 -14.59 20.25 -14.66
CA ALA B 131 -15.10 18.87 -14.76
C ALA B 131 -15.27 18.37 -13.32
N THR B 132 -16.24 17.46 -13.13
CA THR B 132 -16.62 17.05 -11.78
C THR B 132 -16.65 15.56 -11.62
N ILE B 133 -16.40 15.16 -10.38
CA ILE B 133 -16.31 13.69 -10.02
C ILE B 133 -16.68 13.55 -8.56
N SER B 134 -17.34 12.43 -8.23
CA SER B 134 -17.75 12.18 -6.86
C SER B 134 -17.93 10.71 -6.65
N THR B 135 -18.38 10.30 -5.48
CA THR B 135 -18.46 8.82 -5.18
C THR B 135 -19.88 8.29 -5.23
N MET B 136 -20.01 6.94 -5.44
CA MET B 136 -21.30 6.27 -5.48
C MET B 136 -21.31 5.13 -4.52
N GLY B 137 -20.84 5.39 -3.31
CA GLY B 137 -20.82 4.29 -2.29
C GLY B 137 -19.37 3.85 -2.16
N VAL B 138 -18.79 3.86 -0.93
CA VAL B 138 -17.38 3.50 -0.73
C VAL B 138 -17.27 2.43 0.37
N PHE B 139 -18.39 1.83 0.74
CA PHE B 139 -18.33 0.80 1.80
C PHE B 139 -17.86 -0.49 1.22
N GLY B 140 -17.39 -1.41 2.08
CA GLY B 140 -16.89 -2.70 1.53
C GLY B 140 -15.79 -3.26 2.42
N ILE B 141 -15.67 -4.58 2.45
CA ILE B 141 -14.72 -5.27 3.39
C ILE B 141 -13.39 -5.56 2.81
N GLY B 142 -13.24 -5.46 1.48
CA GLY B 142 -11.92 -5.57 0.88
C GLY B 142 -11.83 -5.78 -0.63
N GLU B 143 -12.50 -6.80 -1.16
CA GLU B 143 -12.31 -7.11 -2.59
C GLU B 143 -13.38 -6.61 -3.54
N GLU B 144 -14.35 -5.84 -3.03
CA GLU B 144 -15.44 -5.32 -3.86
C GLU B 144 -14.92 -4.59 -5.08
N ASP B 145 -15.53 -4.80 -6.24
CA ASP B 145 -15.14 -4.11 -7.47
C ASP B 145 -15.34 -2.60 -7.29
N VAL B 146 -14.34 -1.84 -7.65
CA VAL B 146 -14.45 -0.33 -7.71
C VAL B 146 -14.67 0.02 -9.11
N SER B 147 -15.83 0.56 -9.41
CA SER B 147 -16.16 0.88 -10.79
C SER B 147 -16.33 2.40 -11.01
N VAL B 148 -16.23 2.77 -12.29
CA VAL B 148 -16.28 4.15 -12.73
C VAL B 148 -17.37 4.26 -13.78
N VAL B 149 -18.23 5.29 -13.67
CA VAL B 149 -19.31 5.41 -14.68
C VAL B 149 -19.67 6.87 -14.82
N ASP B 150 -20.16 7.29 -16.02
CA ASP B 150 -20.73 8.61 -16.10
C ASP B 150 -22.13 8.50 -15.50
N ILE B 151 -22.61 9.62 -14.96
CA ILE B 151 -23.93 9.66 -14.28
C ILE B 151 -25.08 9.10 -15.19
N ASP B 152 -25.08 9.42 -16.50
CA ASP B 152 -26.16 8.92 -17.33
C ASP B 152 -26.12 7.42 -17.66
N GLU B 153 -25.03 6.76 -17.30
CA GLU B 153 -25.01 5.32 -17.42
C GLU B 153 -25.07 4.63 -16.10
N ALA B 154 -25.20 5.41 -15.02
CA ALA B 154 -25.13 4.81 -13.70
C ALA B 154 -26.40 4.04 -13.38
N ASP B 155 -26.28 3.10 -12.44
CA ASP B 155 -27.38 2.15 -12.17
C ASP B 155 -28.48 2.93 -11.37
N PRO B 156 -29.71 3.09 -11.89
CA PRO B 156 -30.79 3.75 -11.13
C PRO B 156 -31.24 3.07 -9.83
N GLU B 157 -30.79 1.83 -9.60
CA GLU B 157 -31.06 1.19 -8.28
C GLU B 157 -30.12 1.69 -7.17
N ASN B 158 -29.02 2.37 -7.58
CA ASN B 158 -28.10 2.94 -6.59
C ASN B 158 -28.76 4.32 -6.20
N PRO B 159 -29.13 4.52 -4.91
CA PRO B 159 -29.92 5.74 -4.59
C PRO B 159 -29.12 7.04 -4.82
N ILE B 160 -27.77 6.98 -4.73
CA ILE B 160 -26.98 8.19 -5.01
C ILE B 160 -27.09 8.54 -6.48
N ALA B 161 -26.91 7.55 -7.40
CA ALA B 161 -27.09 7.82 -8.87
C ALA B 161 -28.56 8.26 -9.16
N ALA B 162 -29.55 7.67 -8.51
CA ALA B 162 -30.94 8.00 -8.82
C ALA B 162 -31.18 9.41 -8.40
N TYR B 163 -30.58 9.83 -7.29
CA TYR B 163 -30.86 11.18 -6.84
C TYR B 163 -30.20 12.24 -7.75
N LEU B 164 -28.91 12.03 -8.11
CA LEU B 164 -28.25 12.93 -9.01
C LEU B 164 -28.92 12.98 -10.38
N GLN B 165 -29.39 11.83 -10.86
CA GLN B 165 -30.21 11.81 -12.10
C GLN B 165 -31.47 12.66 -11.91
N ALA B 166 -32.20 12.46 -10.79
CA ALA B 166 -33.43 13.29 -10.61
C ALA B 166 -33.12 14.77 -10.50
N GLU B 167 -31.93 15.14 -10.05
CA GLU B 167 -31.50 16.52 -9.94
C GLU B 167 -30.90 17.02 -11.23
N GLY B 168 -31.01 16.24 -12.30
CA GLY B 168 -30.57 16.71 -13.64
C GLY B 168 -29.09 16.89 -13.86
N ILE B 169 -28.29 16.12 -13.08
CA ILE B 169 -26.84 16.19 -13.26
C ILE B 169 -26.42 15.36 -14.45
N HIS B 170 -25.59 15.98 -15.30
CA HIS B 170 -24.98 15.24 -16.46
C HIS B 170 -23.48 15.49 -16.45
N GLU B 171 -22.75 14.75 -17.31
CA GLU B 171 -21.33 14.93 -17.55
C GLU B 171 -20.59 14.93 -16.24
N HIS B 172 -20.78 13.87 -15.47
CA HIS B 172 -20.27 13.82 -14.09
C HIS B 172 -19.81 12.38 -13.85
N VAL B 173 -18.60 12.24 -13.37
CA VAL B 173 -18.06 10.88 -13.18
C VAL B 173 -18.34 10.40 -11.77
N LEU B 174 -18.84 9.18 -11.63
CA LEU B 174 -18.97 8.58 -10.30
C LEU B 174 -18.04 7.36 -10.08
N VAL B 175 -17.45 7.26 -8.88
CA VAL B 175 -16.48 6.18 -8.60
C VAL B 175 -16.99 5.50 -7.34
N GLY B 176 -16.99 4.16 -7.27
CA GLY B 176 -17.12 3.58 -5.92
C GLY B 176 -17.53 2.09 -6.06
N THR B 177 -17.85 1.54 -4.91
CA THR B 177 -18.17 0.12 -4.82
C THR B 177 -19.64 -0.08 -4.92
N GLY B 178 -20.41 1.04 -4.79
CA GLY B 178 -21.88 0.90 -4.82
C GLY B 178 -22.45 0.41 -3.51
N LYS B 179 -21.61 0.17 -2.53
CA LYS B 179 -22.10 -0.19 -1.18
C LYS B 179 -22.20 1.04 -0.32
N LEU B 180 -23.33 1.14 0.38
CA LEU B 180 -23.66 2.40 1.08
C LEU B 180 -23.76 2.17 2.56
N ILE B 181 -23.88 3.26 3.33
CA ILE B 181 -24.10 3.13 4.80
C ILE B 181 -25.25 2.18 5.20
N ARG B 182 -26.30 2.08 4.39
CA ARG B 182 -27.38 1.14 4.71
C ARG B 182 -27.10 -0.37 4.40
N ASP B 183 -25.99 -0.70 3.74
CA ASP B 183 -25.59 -2.08 3.53
C ASP B 183 -24.81 -2.53 4.77
N TRP B 184 -24.56 -3.80 4.83
CA TRP B 184 -23.91 -4.34 6.04
C TRP B 184 -22.44 -3.97 6.23
N GLU B 185 -21.72 -3.84 5.12
CA GLU B 185 -20.26 -3.71 5.17
C GLU B 185 -19.87 -2.40 5.87
N PRO B 186 -18.77 -2.40 6.63
CA PRO B 186 -18.18 -1.19 7.13
C PRO B 186 -17.30 -0.58 6.09
N VAL B 187 -16.53 0.47 6.49
CA VAL B 187 -15.54 1.09 5.65
C VAL B 187 -14.19 0.57 6.08
N THR B 188 -13.40 0.01 5.15
CA THR B 188 -12.05 -0.58 5.45
C THR B 188 -10.95 0.14 4.69
N PRO B 189 -9.75 0.14 5.30
CA PRO B 189 -8.66 0.87 4.66
C PRO B 189 -8.30 0.38 3.28
N HIS B 190 -8.36 -0.92 3.06
CA HIS B 190 -7.98 -1.34 1.72
C HIS B 190 -8.95 -0.91 0.64
N VAL B 191 -10.26 -0.95 0.98
CA VAL B 191 -11.21 -0.43 -0.01
C VAL B 191 -11.00 1.06 -0.28
N LEU B 192 -10.73 1.85 0.78
CA LEU B 192 -10.49 3.29 0.56
C LEU B 192 -9.22 3.54 -0.19
N ASP B 193 -8.21 2.70 0.00
CA ASP B 193 -7.02 2.83 -0.86
C ASP B 193 -7.38 2.59 -2.31
N ARG B 194 -8.11 1.52 -2.62
CA ARG B 194 -8.53 1.19 -4.01
C ARG B 194 -9.38 2.30 -4.59
N VAL B 195 -10.38 2.78 -3.84
CA VAL B 195 -11.20 3.92 -4.38
C VAL B 195 -10.28 5.14 -4.64
N SER B 196 -9.35 5.43 -3.73
CA SER B 196 -8.56 6.62 -3.90
C SER B 196 -7.65 6.49 -5.15
N GLU B 197 -7.12 5.31 -5.38
CA GLU B 197 -6.24 5.05 -6.57
C GLU B 197 -7.02 5.24 -7.83
N VAL B 198 -8.28 4.77 -7.88
CA VAL B 198 -9.08 4.91 -9.10
C VAL B 198 -9.50 6.39 -9.22
N MET B 199 -9.92 7.00 -8.10
CA MET B 199 -10.22 8.47 -8.13
C MET B 199 -9.07 9.28 -8.74
N THR B 200 -7.87 8.95 -8.30
CA THR B 200 -6.69 9.71 -8.76
C THR B 200 -6.54 9.56 -10.28
N ALA B 201 -6.66 8.33 -10.80
CA ALA B 201 -6.60 8.09 -12.21
C ALA B 201 -7.65 8.89 -12.94
N GLU B 202 -8.90 8.84 -12.43
CA GLU B 202 -9.95 9.57 -13.18
C GLU B 202 -9.79 11.05 -13.12
N ILE B 203 -9.27 11.57 -12.03
CA ILE B 203 -8.92 13.03 -11.94
C ILE B 203 -7.90 13.40 -13.01
N LEU B 204 -6.88 12.54 -13.19
CA LEU B 204 -5.87 12.84 -14.19
C LEU B 204 -6.46 12.81 -15.56
N LYS B 205 -7.37 11.88 -15.81
CA LYS B 205 -8.04 11.90 -17.13
C LYS B 205 -8.84 13.16 -17.34
N LEU B 206 -9.49 13.60 -16.30
CA LEU B 206 -10.23 14.88 -16.47
C LEU B 206 -9.36 16.10 -16.56
N LEU B 207 -8.19 16.09 -15.92
CA LEU B 207 -7.26 17.20 -16.03
C LEU B 207 -6.65 17.29 -17.41
N ARG B 208 -6.56 16.14 -18.07
CA ARG B 208 -6.10 16.11 -19.49
C ARG B 208 -7.01 16.91 -20.37
N GLY B 209 -8.30 16.81 -20.10
CA GLY B 209 -9.31 17.79 -20.66
C GLY B 209 -8.87 19.26 -20.55
N ALA B 210 -7.94 19.66 -21.43
CA ALA B 210 -7.45 21.06 -21.68
C ALA B 210 -5.92 21.12 -21.74
N LYS C 10 17.13 -21.06 5.53
CA LYS C 10 16.18 -20.04 4.94
C LYS C 10 16.57 -18.63 5.39
N VAL C 11 17.72 -18.16 4.93
CA VAL C 11 18.37 -16.94 5.47
C VAL C 11 18.72 -16.09 4.28
N PRO C 12 18.98 -14.84 4.49
CA PRO C 12 19.41 -13.98 3.36
C PRO C 12 20.71 -14.52 2.72
N HIS C 13 20.80 -14.42 1.38
CA HIS C 13 22.01 -14.93 0.64
C HIS C 13 22.15 -14.03 -0.58
N GLY C 14 23.38 -13.72 -0.91
CA GLY C 14 23.57 -13.10 -2.26
C GLY C 14 23.56 -11.59 -2.22
N GLU C 15 23.94 -10.99 -3.33
CA GLU C 15 24.05 -9.52 -3.37
C GLU C 15 23.25 -8.97 -4.51
N VAL C 16 22.44 -7.94 -4.25
CA VAL C 16 21.68 -7.21 -5.33
C VAL C 16 22.26 -5.81 -5.37
N THR C 17 22.54 -5.29 -6.56
CA THR C 17 22.92 -3.89 -6.75
C THR C 17 21.75 -3.17 -7.39
N LEU C 18 21.30 -2.12 -6.74
CA LEU C 18 20.26 -1.25 -7.31
C LEU C 18 20.94 0.02 -7.76
N VAL C 19 20.88 0.28 -9.07
CA VAL C 19 21.40 1.51 -9.60
C VAL C 19 20.19 2.42 -9.78
N GLY C 20 20.15 3.53 -9.00
CA GLY C 20 18.98 4.45 -9.00
C GLY C 20 18.24 4.25 -7.66
N ALA C 21 18.05 5.34 -6.93
CA ALA C 21 17.36 5.24 -5.62
C ALA C 21 16.35 6.41 -5.58
N GLY C 22 15.70 6.69 -6.70
CA GLY C 22 14.68 7.77 -6.74
C GLY C 22 13.31 7.16 -6.43
N ARG C 23 12.26 7.71 -6.97
CA ARG C 23 10.92 7.29 -6.49
C ARG C 23 10.67 5.83 -6.73
N LEU C 24 11.22 5.25 -7.80
CA LEU C 24 11.05 3.84 -8.01
C LEU C 24 12.12 3.03 -7.23
N GLY C 25 13.39 3.39 -7.39
CA GLY C 25 14.45 2.58 -6.70
C GLY C 25 14.32 2.59 -5.16
N PHE C 26 13.85 3.69 -4.53
CA PHE C 26 13.70 3.65 -3.07
C PHE C 26 12.58 2.62 -2.73
N ARG C 27 11.49 2.58 -3.53
CA ARG C 27 10.43 1.57 -3.21
C ARG C 27 11.00 0.16 -3.35
N THR C 28 11.86 -0.05 -4.36
CA THR C 28 12.42 -1.43 -4.56
C THR C 28 13.40 -1.73 -3.40
N ALA C 29 14.18 -0.74 -2.97
CA ALA C 29 15.04 -0.99 -1.83
C ALA C 29 14.25 -1.34 -0.60
N LEU C 30 13.16 -0.63 -0.33
CA LEU C 30 12.38 -0.82 0.89
C LEU C 30 11.75 -2.20 0.77
N ASN C 31 11.27 -2.61 -0.41
CA ASN C 31 10.67 -3.98 -0.51
C ASN C 31 11.76 -5.01 -0.18
N LEU C 32 12.95 -4.88 -0.78
CA LEU C 32 14.00 -5.88 -0.55
C LEU C 32 14.48 -5.87 0.85
N MET C 33 14.47 -4.73 1.49
CA MET C 33 14.94 -4.64 2.91
C MET C 33 14.04 -5.31 3.87
N GLN C 34 12.77 -5.39 3.52
CA GLN C 34 11.71 -5.98 4.35
C GLN C 34 11.59 -7.50 4.17
N ILE C 35 12.30 -8.12 3.22
CA ILE C 35 12.09 -9.56 3.01
C ILE C 35 12.59 -10.31 4.29
N HIS C 36 11.87 -11.37 4.62
CA HIS C 36 12.14 -12.15 5.76
C HIS C 36 12.30 -13.57 5.26
N ARG C 37 13.25 -14.29 5.90
CA ARG C 37 13.49 -15.71 5.57
C ARG C 37 14.03 -15.89 4.13
N GLY C 38 14.92 -15.01 3.73
CA GLY C 38 15.51 -14.99 2.40
C GLY C 38 15.77 -13.59 1.91
N GLY C 39 15.82 -13.43 0.59
CA GLY C 39 16.23 -12.19 -0.01
C GLY C 39 17.77 -12.02 0.03
N PRO C 40 18.24 -10.86 -0.41
CA PRO C 40 19.71 -10.68 -0.43
C PRO C 40 20.31 -10.48 0.94
N GLU C 41 21.57 -10.85 1.10
CA GLU C 41 22.27 -10.56 2.34
C GLU C 41 22.92 -9.19 2.24
N ARG C 42 23.21 -8.71 1.02
CA ARG C 42 23.82 -7.42 0.90
C ARG C 42 23.07 -6.66 -0.19
N ILE C 43 22.75 -5.38 0.03
CA ILE C 43 22.09 -4.55 -1.07
C ILE C 43 22.97 -3.38 -1.29
N LYS C 44 23.43 -3.16 -2.51
CA LYS C 44 24.32 -2.04 -2.79
C LYS C 44 23.42 -1.04 -3.51
N VAL C 45 23.26 0.17 -3.01
CA VAL C 45 22.31 1.13 -3.68
C VAL C 45 23.21 2.24 -4.16
N ILE C 46 23.09 2.56 -5.45
CA ILE C 46 24.08 3.54 -6.06
C ILE C 46 23.29 4.69 -6.71
N ASP C 47 23.45 5.93 -6.19
CA ASP C 47 22.80 7.12 -6.71
C ASP C 47 23.54 8.32 -6.14
N GLY C 48 23.71 9.35 -6.99
CA GLY C 48 24.42 10.47 -6.51
C GLY C 48 23.51 11.61 -5.98
N GLN C 49 22.19 11.42 -6.01
CA GLN C 49 21.23 12.49 -5.75
C GLN C 49 20.91 12.66 -4.27
N LYS C 50 20.59 13.91 -3.89
CA LYS C 50 20.13 14.22 -2.53
C LYS C 50 18.63 14.40 -2.51
N VAL C 51 18.05 14.18 -1.34
CA VAL C 51 16.60 14.38 -1.11
C VAL C 51 16.24 15.86 -1.32
N SER C 52 15.20 16.11 -2.10
CA SER C 52 14.80 17.53 -2.28
C SER C 52 13.37 17.67 -1.71
N ALA C 53 12.84 18.92 -1.72
CA ALA C 53 11.48 19.21 -1.26
C ALA C 53 10.45 18.35 -1.95
N ASP C 54 10.69 18.10 -3.23
CA ASP C 54 9.74 17.35 -4.02
C ASP C 54 9.76 15.85 -3.79
N ASP C 55 10.78 15.32 -3.09
CA ASP C 55 10.84 13.89 -2.77
C ASP C 55 9.97 13.58 -1.56
N LEU C 56 8.66 13.71 -1.76
CA LEU C 56 7.73 13.51 -0.70
C LEU C 56 7.75 12.10 -0.06
N ILE C 57 7.88 11.04 -0.89
CA ILE C 57 7.90 9.69 -0.37
C ILE C 57 9.10 9.59 0.61
N PHE C 58 10.23 10.25 0.28
CA PHE C 58 11.36 10.17 1.23
C PHE C 58 11.06 10.95 2.51
N ARG C 59 10.61 12.21 2.37
CA ARG C 59 10.28 13.06 3.50
C ARG C 59 9.23 12.43 4.43
N LEU C 60 8.22 11.77 3.88
CA LEU C 60 7.18 11.09 4.71
C LEU C 60 7.73 9.95 5.52
N MET C 61 8.88 9.44 5.13
CA MET C 61 9.51 8.38 5.94
C MET C 61 10.65 8.93 6.83
N GLY C 62 10.77 10.25 6.90
CA GLY C 62 11.67 10.87 7.86
C GLY C 62 13.02 11.25 7.29
N ALA C 63 13.16 11.25 5.95
CA ALA C 63 14.36 11.85 5.36
C ALA C 63 14.45 13.33 5.45
N LYS C 64 15.65 13.86 5.62
CA LYS C 64 15.80 15.31 5.60
C LYS C 64 16.30 15.83 4.25
N ILE C 65 15.84 17.03 3.90
CA ILE C 65 16.28 17.67 2.67
C ILE C 65 17.75 17.78 2.77
N GLY C 66 18.45 17.38 1.71
CA GLY C 66 19.91 17.57 1.66
C GLY C 66 20.67 16.28 1.95
N GLU C 67 19.99 15.30 2.50
CA GLU C 67 20.61 13.99 2.75
C GLU C 67 20.81 13.28 1.41
N TYR C 68 21.88 12.48 1.22
CA TYR C 68 21.89 11.59 0.05
C TYR C 68 20.79 10.56 0.15
N LYS C 69 20.09 10.31 -0.95
CA LYS C 69 19.06 9.29 -0.90
C LYS C 69 19.62 7.95 -0.45
N VAL C 70 20.80 7.57 -0.94
CA VAL C 70 21.31 6.25 -0.54
C VAL C 70 21.71 6.18 0.92
N LYS C 71 22.08 7.32 1.52
CA LYS C 71 22.40 7.32 2.92
C LYS C 71 21.20 7.29 3.81
N PHE C 72 20.09 7.87 3.35
CA PHE C 72 18.88 7.73 4.13
C PHE C 72 18.50 6.24 4.12
N ILE C 73 18.50 5.66 2.93
CA ILE C 73 18.22 4.24 2.84
C ILE C 73 19.13 3.40 3.73
N GLU C 74 20.43 3.60 3.65
CA GLU C 74 21.38 2.87 4.52
C GLU C 74 21.14 3.04 6.01
N SER C 75 20.66 4.21 6.43
CA SER C 75 20.44 4.51 7.81
C SER C 75 19.35 3.63 8.37
N LEU C 76 18.48 3.08 7.50
CA LEU C 76 17.44 2.12 8.03
C LEU C 76 18.05 0.77 8.45
N ALA C 77 19.20 0.39 7.93
CA ALA C 77 19.84 -0.91 8.18
C ALA C 77 20.94 -0.71 9.22
N CYS C 78 20.51 -0.40 10.42
CA CYS C 78 21.41 -0.25 11.58
C CYS C 78 22.14 -1.52 11.99
N ASP C 79 22.88 -1.44 13.12
CA ASP C 79 23.85 -2.49 13.42
C ASP C 79 23.23 -3.83 13.69
N GLY C 80 22.03 -3.84 14.27
CA GLY C 80 21.37 -5.14 14.51
C GLY C 80 20.72 -5.76 13.31
N PHE C 81 20.68 -5.05 12.19
CA PHE C 81 19.91 -5.51 11.00
C PHE C 81 20.58 -6.78 10.39
N SER C 82 19.83 -7.73 9.86
CA SER C 82 20.38 -9.01 9.33
C SER C 82 20.84 -8.97 7.87
N ARG C 83 20.80 -7.80 7.26
CA ARG C 83 21.44 -7.68 5.98
C ARG C 83 22.25 -6.38 6.02
N THR C 84 23.21 -6.23 5.08
CA THR C 84 23.95 -4.96 5.00
C THR C 84 23.40 -4.18 3.83
N VAL C 85 23.31 -2.89 4.01
CA VAL C 85 22.96 -2.00 2.89
C VAL C 85 24.15 -1.08 2.70
N GLN C 86 24.71 -1.02 1.50
CA GLN C 86 25.90 -0.18 1.17
C GLN C 86 25.42 0.92 0.25
N GLY C 87 25.27 2.11 0.81
CA GLY C 87 24.73 3.26 0.01
C GLY C 87 25.90 4.07 -0.59
N ILE C 88 26.04 3.97 -1.90
CA ILE C 88 27.20 4.58 -2.63
C ILE C 88 26.72 5.87 -3.25
N PRO C 89 27.19 7.01 -2.80
CA PRO C 89 26.59 8.30 -3.18
C PRO C 89 27.30 8.78 -4.43
N GLU C 90 27.19 8.02 -5.51
CA GLU C 90 27.78 8.46 -6.82
C GLU C 90 26.81 8.15 -7.90
N TYR C 91 26.94 8.89 -9.05
CA TYR C 91 26.29 8.42 -10.27
C TYR C 91 27.26 7.48 -10.95
N ILE C 92 26.69 6.49 -11.65
CA ILE C 92 27.51 5.58 -12.50
C ILE C 92 27.76 6.27 -13.83
N THR C 93 29.04 6.26 -14.25
CA THR C 93 29.50 6.67 -15.58
C THR C 93 30.44 5.60 -16.09
N GLY C 94 31.01 5.77 -17.30
CA GLY C 94 31.97 4.77 -17.80
C GLY C 94 33.18 4.68 -16.91
N ASP C 95 33.48 5.78 -16.21
CA ASP C 95 34.67 5.82 -15.37
C ASP C 95 34.51 5.08 -14.07
N ASN C 96 33.30 4.66 -13.64
CA ASN C 96 33.24 3.92 -12.37
C ASN C 96 32.28 2.71 -12.44
N LEU C 97 32.13 2.13 -13.63
CA LEU C 97 31.35 0.90 -13.74
C LEU C 97 31.85 -0.23 -12.84
N ARG C 98 33.14 -0.22 -12.45
CA ARG C 98 33.59 -1.34 -11.56
C ARG C 98 32.86 -1.37 -10.23
N LEU C 99 32.09 -0.35 -9.93
CA LEU C 99 31.26 -0.36 -8.70
C LEU C 99 30.12 -1.37 -8.80
N ILE C 100 29.72 -1.67 -10.02
CA ILE C 100 28.58 -2.66 -10.27
C ILE C 100 29.16 -4.04 -9.91
N GLY C 101 28.49 -4.73 -8.99
CA GLY C 101 28.83 -6.11 -8.72
C GLY C 101 27.59 -6.89 -8.27
N GLY C 102 27.81 -8.10 -7.78
CA GLY C 102 26.74 -8.85 -7.15
C GLY C 102 26.16 -9.88 -8.09
N ASP C 103 25.13 -10.51 -7.58
CA ASP C 103 24.48 -11.55 -8.31
C ASP C 103 23.40 -11.04 -9.22
N VAL C 104 22.74 -9.94 -8.83
CA VAL C 104 21.65 -9.41 -9.64
C VAL C 104 21.88 -7.90 -9.66
N VAL C 105 21.83 -7.29 -10.88
CA VAL C 105 21.94 -5.81 -10.98
C VAL C 105 20.67 -5.24 -11.58
N CYS C 106 20.00 -4.28 -10.87
CA CYS C 106 18.67 -3.80 -11.28
C CYS C 106 18.89 -2.29 -11.53
N VAL C 107 18.60 -1.85 -12.75
CA VAL C 107 18.79 -0.44 -13.11
C VAL C 107 17.41 0.21 -13.11
N GLU C 108 17.24 1.24 -12.25
CA GLU C 108 15.94 1.99 -12.13
C GLU C 108 16.40 3.47 -12.06
N ILE C 109 17.12 3.94 -13.07
CA ILE C 109 17.84 5.29 -12.91
C ILE C 109 16.76 6.32 -13.21
N ALA C 110 16.74 7.37 -12.35
CA ALA C 110 15.72 8.47 -12.29
C ALA C 110 16.26 9.64 -13.15
N GLY C 111 15.37 10.43 -13.73
CA GLY C 111 15.80 11.66 -14.45
C GLY C 111 15.76 11.60 -15.98
N GLY C 112 15.57 10.40 -16.55
CA GLY C 112 15.62 10.21 -18.04
C GLY C 112 17.02 10.26 -18.65
N ASP C 113 17.15 10.04 -19.99
CA ASP C 113 18.43 10.06 -20.75
C ASP C 113 19.42 8.99 -20.31
N THR C 114 18.83 7.92 -19.83
CA THR C 114 19.58 6.85 -19.06
C THR C 114 19.97 5.66 -19.93
N LEU C 115 19.54 5.59 -21.19
CA LEU C 115 19.73 4.31 -21.94
C LEU C 115 21.19 4.00 -22.31
N PRO C 116 22.04 5.00 -22.64
CA PRO C 116 23.43 4.65 -22.98
C PRO C 116 24.12 4.03 -21.76
N ILE C 117 23.95 4.66 -20.58
CA ILE C 117 24.64 4.11 -19.39
C ILE C 117 23.98 2.80 -18.96
N THR C 118 22.63 2.66 -19.08
CA THR C 118 22.02 1.36 -18.76
C THR C 118 22.63 0.26 -19.64
N THR C 119 22.84 0.54 -20.92
CA THR C 119 23.49 -0.46 -21.84
C THR C 119 24.92 -0.83 -21.32
N GLU C 120 25.67 0.16 -20.90
CA GLU C 120 27.02 -0.11 -20.39
C GLU C 120 26.98 -0.93 -19.10
N ILE C 121 25.99 -0.59 -18.24
CA ILE C 121 25.89 -1.32 -16.99
C ILE C 121 25.55 -2.79 -17.29
N ILE C 122 24.63 -3.04 -18.21
CA ILE C 122 24.25 -4.42 -18.55
C ILE C 122 25.45 -5.20 -19.14
N ARG C 123 26.19 -4.60 -20.06
CA ARG C 123 27.39 -5.29 -20.65
C ARG C 123 28.40 -5.63 -19.58
N TYR C 124 28.65 -4.72 -18.64
CA TYR C 124 29.68 -5.00 -17.64
C TYR C 124 29.16 -5.97 -16.57
N ALA C 125 27.88 -5.84 -16.19
CA ALA C 125 27.32 -6.80 -15.20
C ALA C 125 27.33 -8.20 -15.75
N GLN C 126 27.03 -8.34 -17.07
CA GLN C 126 27.04 -9.64 -17.66
C GLN C 126 28.47 -10.21 -17.72
N GLU C 127 29.46 -9.35 -17.94
CA GLU C 127 30.87 -9.86 -17.95
C GLU C 127 31.14 -10.44 -16.58
N ARG C 128 30.61 -9.76 -15.54
CA ARG C 128 30.89 -10.21 -14.12
C ARG C 128 30.04 -11.42 -13.76
N GLY C 129 29.17 -11.88 -14.63
CA GLY C 129 28.34 -13.05 -14.26
C GLY C 129 27.08 -12.72 -13.50
N ALA C 130 26.66 -11.44 -13.47
CA ALA C 130 25.43 -11.07 -12.76
C ALA C 130 24.24 -11.23 -13.74
N ALA C 131 23.04 -11.51 -13.17
CA ALA C 131 21.80 -11.39 -13.93
C ALA C 131 21.40 -9.90 -13.90
N THR C 132 20.68 -9.46 -14.94
CA THR C 132 20.35 -8.01 -15.13
C THR C 132 18.91 -7.81 -15.36
N ILE C 133 18.41 -6.65 -14.90
CA ILE C 133 16.95 -6.30 -15.08
C ILE C 133 16.89 -4.77 -15.03
N SER C 134 15.99 -4.25 -15.89
CA SER C 134 15.79 -2.78 -15.94
C SER C 134 14.35 -2.49 -16.38
N THR C 135 14.02 -1.24 -16.59
CA THR C 135 12.58 -0.89 -16.83
C THR C 135 12.35 -0.61 -18.29
N MET C 136 11.09 -0.72 -18.70
CA MET C 136 10.66 -0.46 -20.12
C MET C 136 9.49 0.50 -20.05
N GLY C 137 9.60 1.58 -19.26
CA GLY C 137 8.53 2.55 -19.20
C GLY C 137 7.83 2.38 -17.85
N VAL C 138 7.81 3.45 -17.04
CA VAL C 138 7.15 3.39 -15.70
C VAL C 138 6.01 4.41 -15.54
N PHE C 139 5.61 5.01 -16.66
CA PHE C 139 4.57 6.06 -16.57
C PHE C 139 3.22 5.38 -16.51
N GLY C 140 2.20 6.12 -16.05
CA GLY C 140 0.88 5.46 -15.94
C GLY C 140 0.10 6.14 -14.89
N ILE C 141 -1.24 6.11 -15.07
CA ILE C 141 -2.12 6.79 -14.08
C ILE C 141 -2.69 5.86 -13.04
N GLY C 142 -2.64 4.53 -13.23
CA GLY C 142 -3.07 3.69 -12.07
C GLY C 142 -3.15 2.22 -12.40
N GLU C 143 -3.90 1.87 -13.44
CA GLU C 143 -4.23 0.43 -13.58
C GLU C 143 -3.55 -0.20 -14.77
N GLU C 144 -2.61 0.51 -15.42
CA GLU C 144 -1.87 -0.05 -16.55
C GLU C 144 -1.27 -1.42 -16.21
N ASP C 145 -1.28 -2.34 -17.15
CA ASP C 145 -0.72 -3.69 -16.91
C ASP C 145 0.82 -3.48 -16.72
N VAL C 146 1.41 -4.09 -15.69
CA VAL C 146 2.91 -4.12 -15.59
C VAL C 146 3.34 -5.48 -16.14
N SER C 147 4.15 -5.49 -17.18
CA SER C 147 4.56 -6.75 -17.74
C SER C 147 6.08 -6.97 -17.58
N VAL C 148 6.46 -8.23 -17.76
CA VAL C 148 7.84 -8.71 -17.55
C VAL C 148 8.16 -9.48 -18.77
N VAL C 149 9.33 -9.20 -19.38
CA VAL C 149 9.65 -9.90 -20.63
C VAL C 149 11.19 -9.99 -20.76
N ASP C 150 11.73 -11.06 -21.38
CA ASP C 150 13.17 -11.10 -21.75
C ASP C 150 13.32 -10.18 -22.94
N ILE C 151 14.44 -9.48 -23.00
CA ILE C 151 14.71 -8.54 -24.13
C ILE C 151 14.49 -9.11 -25.54
N ASP C 152 14.82 -10.37 -25.77
CA ASP C 152 14.61 -11.00 -27.17
C ASP C 152 13.16 -11.33 -27.50
N GLU C 153 12.33 -11.33 -26.51
CA GLU C 153 10.86 -11.36 -26.69
C GLU C 153 10.15 -10.02 -26.56
N ALA C 154 10.86 -8.91 -26.29
CA ALA C 154 10.22 -7.61 -26.04
C ALA C 154 9.71 -7.01 -27.36
N ASP C 155 8.69 -6.13 -27.25
CA ASP C 155 8.09 -5.63 -28.51
C ASP C 155 8.92 -4.52 -29.05
N PRO C 156 9.42 -4.64 -30.29
CA PRO C 156 10.33 -3.61 -30.74
C PRO C 156 9.68 -2.33 -31.13
N GLU C 157 8.38 -2.25 -31.04
CA GLU C 157 7.68 -0.96 -31.13
C GLU C 157 7.92 -0.07 -29.89
N ASN C 158 8.37 -0.67 -28.77
CA ASN C 158 8.72 0.13 -27.61
C ASN C 158 10.15 0.58 -27.84
N PRO C 159 10.39 1.90 -27.76
CA PRO C 159 11.69 2.47 -28.15
C PRO C 159 12.80 2.03 -27.19
N ILE C 160 12.47 1.69 -25.92
CA ILE C 160 13.53 1.24 -25.00
C ILE C 160 13.97 -0.13 -25.45
N ALA C 161 13.04 -1.05 -25.70
CA ALA C 161 13.36 -2.40 -26.19
C ALA C 161 14.10 -2.31 -27.53
N ALA C 162 13.62 -1.48 -28.46
CA ALA C 162 14.30 -1.37 -29.71
C ALA C 162 15.75 -0.90 -29.55
N TYR C 163 15.97 0.06 -28.66
CA TYR C 163 17.38 0.56 -28.51
C TYR C 163 18.23 -0.57 -27.96
N LEU C 164 17.74 -1.26 -26.90
CA LEU C 164 18.62 -2.20 -26.27
C LEU C 164 18.86 -3.37 -27.23
N GLN C 165 17.86 -3.76 -28.05
CA GLN C 165 18.09 -4.79 -29.11
C GLN C 165 19.13 -4.30 -30.16
N ALA C 166 19.02 -3.02 -30.55
CA ALA C 166 20.03 -2.43 -31.47
C ALA C 166 21.46 -2.43 -30.87
N GLU C 167 21.58 -2.30 -29.55
CA GLU C 167 22.89 -2.38 -28.88
C GLU C 167 23.28 -3.84 -28.56
N GLY C 168 22.52 -4.80 -29.12
CA GLY C 168 22.98 -6.22 -29.01
C GLY C 168 22.86 -6.78 -27.58
N ILE C 169 21.87 -6.28 -26.84
CA ILE C 169 21.65 -6.79 -25.44
C ILE C 169 20.81 -8.08 -25.50
N HIS C 170 21.29 -9.13 -24.75
CA HIS C 170 20.49 -10.32 -24.65
C HIS C 170 20.44 -10.77 -23.20
N GLU C 171 19.61 -11.73 -22.90
CA GLU C 171 19.61 -12.33 -21.52
C GLU C 171 19.39 -11.25 -20.49
N HIS C 172 18.35 -10.44 -20.68
CA HIS C 172 18.12 -9.28 -19.81
C HIS C 172 16.63 -9.10 -19.63
N VAL C 173 16.19 -8.94 -18.37
CA VAL C 173 14.72 -8.84 -18.15
C VAL C 173 14.30 -7.37 -18.17
N LEU C 174 13.12 -7.09 -18.81
CA LEU C 174 12.58 -5.73 -18.72
C LEU C 174 11.24 -5.78 -18.00
N VAL C 175 10.97 -4.79 -17.18
CA VAL C 175 9.68 -4.69 -16.40
C VAL C 175 9.10 -3.29 -16.65
N GLY C 176 7.78 -3.17 -16.85
CA GLY C 176 7.21 -1.82 -16.86
C GLY C 176 5.82 -1.83 -17.48
N THR C 177 5.37 -0.61 -17.69
CA THR C 177 4.05 -0.39 -18.22
C THR C 177 4.14 -0.12 -19.72
N GLY C 178 5.34 0.13 -20.26
CA GLY C 178 5.42 0.47 -21.68
C GLY C 178 5.14 1.92 -21.97
N LYS C 179 4.66 2.68 -20.99
CA LYS C 179 4.42 4.13 -21.14
C LYS C 179 5.64 4.95 -20.68
N LEU C 180 6.03 5.87 -21.56
CA LEU C 180 7.26 6.63 -21.41
C LEU C 180 6.97 8.12 -21.22
N ILE C 181 8.04 8.89 -20.94
CA ILE C 181 7.99 10.35 -20.74
C ILE C 181 7.25 11.04 -21.88
N ARG C 182 7.36 10.50 -23.10
CA ARG C 182 6.64 11.06 -24.30
C ARG C 182 5.12 10.81 -24.40
N ASP C 183 4.59 9.81 -23.66
CA ASP C 183 3.12 9.59 -23.58
C ASP C 183 2.51 10.63 -22.67
N TRP C 184 1.20 10.75 -22.70
CA TRP C 184 0.58 11.78 -21.91
C TRP C 184 0.68 11.53 -20.40
N GLU C 185 0.75 10.25 -19.99
CA GLU C 185 0.44 9.91 -18.58
C GLU C 185 1.65 10.34 -17.76
N PRO C 186 1.44 10.86 -16.54
CA PRO C 186 2.51 11.23 -15.58
C PRO C 186 2.97 9.97 -14.84
N VAL C 187 3.80 10.19 -13.83
CA VAL C 187 4.23 9.11 -12.91
C VAL C 187 3.38 9.18 -11.64
N THR C 188 2.64 8.12 -11.31
CA THR C 188 1.82 8.14 -10.15
C THR C 188 2.35 7.15 -9.08
N PRO C 189 2.06 7.41 -7.81
CA PRO C 189 2.59 6.53 -6.77
C PRO C 189 2.04 5.14 -6.88
N HIS C 190 0.77 4.94 -7.24
CA HIS C 190 0.28 3.57 -7.24
C HIS C 190 0.99 2.76 -8.34
N VAL C 191 1.19 3.38 -9.51
CA VAL C 191 1.89 2.63 -10.58
C VAL C 191 3.32 2.33 -10.12
N LEU C 192 4.03 3.30 -9.49
CA LEU C 192 5.38 2.94 -8.98
C LEU C 192 5.36 1.87 -7.93
N ASP C 193 4.33 1.87 -7.04
CA ASP C 193 4.25 0.70 -6.14
C ASP C 193 4.12 -0.63 -6.92
N ARG C 194 3.25 -0.68 -7.93
CA ARG C 194 3.02 -1.93 -8.70
C ARG C 194 4.28 -2.29 -9.42
N VAL C 195 4.97 -1.33 -10.07
CA VAL C 195 6.22 -1.69 -10.78
C VAL C 195 7.25 -2.21 -9.78
N SER C 196 7.35 -1.58 -8.61
CA SER C 196 8.45 -2.02 -7.64
C SER C 196 8.08 -3.41 -7.09
N GLU C 197 6.80 -3.71 -6.89
CA GLU C 197 6.38 -5.05 -6.38
C GLU C 197 6.76 -6.11 -7.42
N VAL C 198 6.52 -5.83 -8.70
CA VAL C 198 6.86 -6.78 -9.71
C VAL C 198 8.43 -6.85 -9.87
N MET C 199 9.15 -5.72 -9.82
CA MET C 199 10.59 -5.81 -9.91
C MET C 199 11.17 -6.60 -8.75
N THR C 200 10.66 -6.37 -7.52
CA THR C 200 11.15 -7.15 -6.36
C THR C 200 10.97 -8.66 -6.64
N ALA C 201 9.78 -9.10 -7.15
CA ALA C 201 9.55 -10.53 -7.40
C ALA C 201 10.56 -11.06 -8.46
N GLU C 202 10.79 -10.22 -9.47
CA GLU C 202 11.72 -10.64 -10.54
C GLU C 202 13.13 -10.76 -10.05
N ILE C 203 13.52 -9.77 -9.21
CA ILE C 203 14.87 -9.85 -8.59
C ILE C 203 15.03 -11.13 -7.76
N LEU C 204 13.98 -11.49 -7.00
CA LEU C 204 14.11 -12.71 -6.16
C LEU C 204 14.17 -13.95 -7.06
N LYS C 205 13.46 -13.96 -8.18
CA LYS C 205 13.63 -15.15 -9.11
C LYS C 205 15.09 -15.20 -9.61
N LEU C 206 15.63 -14.04 -9.99
CA LEU C 206 17.07 -14.03 -10.52
C LEU C 206 18.06 -14.35 -9.41
N LEU C 207 17.76 -14.02 -8.17
CA LEU C 207 18.64 -14.34 -7.08
C LEU C 207 18.71 -15.78 -6.74
N ARG C 208 17.64 -16.53 -7.02
CA ARG C 208 17.67 -18.00 -6.77
C ARG C 208 19.00 -18.76 -7.12
N GLY C 209 19.55 -19.46 -6.14
CA GLY C 209 20.87 -20.12 -6.23
C GLY C 209 22.05 -19.35 -5.66
N ALA C 210 21.98 -18.01 -5.60
CA ALA C 210 23.13 -17.15 -5.23
C ALA C 210 23.88 -17.56 -3.93
PB ADP D . 5.11 -13.21 10.04
O1B ADP D . 4.00 -12.61 10.81
O2B ADP D . 4.67 -14.60 9.56
O3B ADP D . 5.76 -12.34 8.92
PA ADP D . 7.02 -12.75 12.15
O1A ADP D . 7.30 -11.32 11.84
O2A ADP D . 8.29 -13.49 12.56
O3A ADP D . 6.43 -13.61 11.00
O5' ADP D . 5.96 -12.73 13.33
C5' ADP D . 5.50 -13.99 13.94
C4' ADP D . 5.01 -13.50 15.32
O4' ADP D . 4.42 -14.70 15.90
C3' ADP D . 6.20 -13.04 16.24
O3' ADP D . 6.01 -11.73 16.71
C2' ADP D . 6.08 -14.12 17.38
O2' ADP D . 6.50 -13.63 18.68
C1' ADP D . 4.60 -14.54 17.33
N9 ADP D . 4.44 -15.86 17.97
C8 ADP D . 5.11 -17.04 17.78
N7 ADP D . 4.64 -18.06 18.63
C5 ADP D . 3.71 -17.41 19.43
C6 ADP D . 2.82 -17.80 20.54
N6 ADP D . 2.91 -19.08 20.99
N1 ADP D . 2.03 -16.82 21.00
C2 ADP D . 1.95 -15.53 20.56
N3 ADP D . 2.75 -15.15 19.53
C4 ADP D . 3.60 -16.01 18.98
#